data_5PA2
#
_entry.id   5PA2
#
_cell.length_a   49.667
_cell.length_b   54.435
_cell.length_c   81.363
_cell.angle_alpha   90.000
_cell.angle_beta   90.000
_cell.angle_gamma   90.000
#
_symmetry.space_group_name_H-M   'P 21 21 21'
#
loop_
_entity.id
_entity.type
_entity.pdbx_description
1 polymer 'Catechol O-methyltransferase'
2 non-polymer 'MAGNESIUM ION'
3 non-polymer 'CHLORIDE ION'
4 non-polymer 'SULFATE ION'
5 non-polymer S-ADENOSYL-L-HOMOCYSTEINE
6 non-polymer 7-fluoranyl-6-(4-fluorophenyl)-8-oxidanyl-3~{H}-quinazolin-4-one
7 non-polymer '2-[N-CYCLOHEXYLAMINO]ETHANE SULFONIC ACID'
8 non-polymer (4S,5S)-1,2-DITHIANE-4,5-DIOL
9 water water
#
_entity_poly.entity_id   1
_entity_poly.type   'polypeptide(L)'
_entity_poly.pdbx_seq_one_letter_code
;MGDTKEQRILRYVQQNAKPGDPQSVLEAIDTYCTQKEWAMNVGDAKGQIMDAVIREYSPSLVLELGAYCGYSAVRMARLL
QPGARLLTMEINPDCAAITQQMLNFAGLQDKVTILNGASQDLIPQLKKKYDVDTLDMVFLDHWKDRYLPDTLLLEKCGLL
RKGTVLLADNVIVPGTPDFLAYVRGSSSFECTHYSSYLEYMKVVDGLEKAIYQGPSSPDKS
;
_entity_poly.pdbx_strand_id   A
#
# COMPACT_ATOMS: atom_id res chain seq x y z
N ASP A 3 24.30 0.96 10.52
CA ASP A 3 23.16 1.05 9.57
C ASP A 3 21.93 0.26 10.06
N THR A 4 20.81 0.57 9.46
CA THR A 4 19.55 -0.04 9.81
C THR A 4 19.22 -1.17 8.80
N LYS A 5 18.27 -1.99 9.17
CA LYS A 5 17.72 -3.02 8.32
C LYS A 5 17.18 -2.38 6.99
N GLU A 6 16.54 -1.23 7.12
CA GLU A 6 15.97 -0.63 5.95
C GLU A 6 17.05 -0.13 4.98
N GLN A 7 18.13 0.44 5.53
CA GLN A 7 19.30 0.80 4.72
C GLN A 7 19.90 -0.40 4.04
N ARG A 8 20.01 -1.52 4.77
CA ARG A 8 20.57 -2.74 4.21
C ARG A 8 19.72 -3.28 3.06
N ILE A 9 18.37 -3.19 3.18
CA ILE A 9 17.49 -3.61 2.10
C ILE A 9 17.73 -2.73 0.86
N LEU A 10 17.78 -1.42 1.02
CA LEU A 10 18.02 -0.55 -0.10
C LEU A 10 19.39 -0.85 -0.78
N ARG A 11 20.45 -1.02 0.04
CA ARG A 11 21.75 -1.29 -0.55
C ARG A 11 21.71 -2.61 -1.28
N TYR A 12 21.01 -3.63 -0.72
CA TYR A 12 20.91 -4.87 -1.41
C TYR A 12 20.26 -4.71 -2.77
N VAL A 13 19.17 -3.99 -2.86
CA VAL A 13 18.55 -3.73 -4.18
C VAL A 13 19.53 -3.02 -5.10
N GLN A 14 20.18 -1.99 -4.62
CA GLN A 14 21.11 -1.21 -5.44
C GLN A 14 22.18 -2.13 -6.03
N GLN A 15 22.58 -3.19 -5.33
CA GLN A 15 23.71 -4.01 -5.72
C GLN A 15 23.28 -5.34 -6.33
N ASN A 16 21.96 -5.65 -6.39
CA ASN A 16 21.47 -6.93 -6.87
C ASN A 16 20.27 -6.89 -7.77
N ALA A 17 19.86 -5.70 -8.13
CA ALA A 17 18.82 -5.44 -9.12
C ALA A 17 19.35 -4.54 -10.25
N LYS A 18 18.51 -4.39 -11.25
CA LYS A 18 18.79 -3.57 -12.42
C LYS A 18 18.08 -2.23 -12.41
N PRO A 19 18.78 -1.08 -12.47
CA PRO A 19 18.09 0.18 -12.44
C PRO A 19 17.02 0.18 -13.53
N GLY A 20 15.85 0.74 -13.20
CA GLY A 20 14.77 0.85 -14.14
C GLY A 20 13.96 -0.42 -14.32
N ASP A 21 14.21 -1.46 -13.55
CA ASP A 21 13.55 -2.74 -13.71
C ASP A 21 12.81 -3.08 -12.43
N PRO A 22 11.53 -2.68 -12.34
CA PRO A 22 10.77 -2.94 -11.11
C PRO A 22 10.75 -4.37 -10.67
N GLN A 23 10.57 -5.31 -11.60
CA GLN A 23 10.48 -6.73 -11.21
C GLN A 23 11.76 -7.18 -10.51
N SER A 24 12.91 -6.69 -11.01
CA SER A 24 14.21 -7.08 -10.40
C SER A 24 14.29 -6.49 -8.99
N VAL A 25 13.70 -5.34 -8.77
CA VAL A 25 13.69 -4.73 -7.43
C VAL A 25 12.86 -5.55 -6.45
N LEU A 26 11.65 -5.94 -6.88
CA LEU A 26 10.81 -6.77 -6.01
C LEU A 26 11.49 -8.09 -5.69
N GLU A 27 12.14 -8.70 -6.72
CA GLU A 27 12.78 -9.97 -6.48
C GLU A 27 13.93 -9.82 -5.53
N ALA A 28 14.69 -8.73 -5.64
CA ALA A 28 15.83 -8.52 -4.72
C ALA A 28 15.36 -8.36 -3.29
N ILE A 29 14.30 -7.55 -3.11
CA ILE A 29 13.77 -7.34 -1.77
C ILE A 29 13.27 -8.68 -1.17
N ASP A 30 12.54 -9.43 -1.97
CA ASP A 30 12.01 -10.69 -1.50
C ASP A 30 13.12 -11.70 -1.15
N THR A 31 14.16 -11.75 -1.96
CA THR A 31 15.31 -12.58 -1.67
C THR A 31 15.97 -12.18 -0.37
N TYR A 32 16.26 -10.90 -0.21
CA TYR A 32 16.90 -10.45 1.03
C TYR A 32 16.08 -10.80 2.23
N CYS A 33 14.78 -10.55 2.15
CA CYS A 33 13.93 -10.73 3.28
C CYS A 33 13.59 -12.21 3.59
N THR A 34 13.78 -13.08 2.62
CA THR A 34 13.68 -14.54 2.85
C THR A 34 14.98 -15.11 3.40
N GLN A 35 16.12 -14.64 2.88
CA GLN A 35 17.42 -15.26 3.19
C GLN A 35 18.20 -14.59 4.29
N LYS A 36 17.97 -13.31 4.54
CA LYS A 36 18.80 -12.49 5.43
CA LYS A 36 18.81 -12.51 5.43
C LYS A 36 18.02 -11.97 6.63
N GLU A 37 17.08 -11.07 6.41
CA GLU A 37 16.35 -10.43 7.48
C GLU A 37 14.88 -10.24 7.09
N TRP A 38 13.96 -10.75 7.88
CA TRP A 38 12.53 -10.53 7.69
C TRP A 38 12.25 -9.05 7.74
N ALA A 39 11.30 -8.59 6.90
CA ALA A 39 10.79 -7.24 7.04
C ALA A 39 9.32 -7.20 6.58
N MET A 40 8.60 -6.18 7.02
CA MET A 40 7.16 -6.07 6.87
C MET A 40 6.71 -5.55 5.51
N ASN A 41 7.37 -5.98 4.43
CA ASN A 41 6.87 -5.75 3.10
C ASN A 41 5.67 -6.63 2.87
N VAL A 42 4.73 -6.24 1.98
CA VAL A 42 3.52 -7.08 1.80
C VAL A 42 3.94 -8.46 1.27
N GLY A 43 5.03 -8.53 0.49
CA GLY A 43 5.61 -9.74 0.07
C GLY A 43 4.96 -10.30 -1.19
N ASP A 44 5.45 -11.43 -1.68
CA ASP A 44 5.07 -11.97 -2.95
C ASP A 44 3.73 -12.66 -2.95
N ALA A 45 3.41 -13.37 -1.90
CA ALA A 45 2.15 -14.15 -1.83
C ALA A 45 0.97 -13.16 -1.84
N LYS A 46 0.95 -12.23 -0.91
CA LYS A 46 -0.11 -11.25 -0.84
C LYS A 46 0.08 -10.26 -2.01
N GLY A 47 1.30 -9.98 -2.43
CA GLY A 47 1.55 -9.14 -3.58
C GLY A 47 0.89 -9.62 -4.85
N GLN A 48 0.83 -10.93 -5.06
CA GLN A 48 0.15 -11.48 -6.23
C GLN A 48 -1.34 -11.18 -6.21
N ILE A 49 -1.93 -11.20 -5.04
CA ILE A 49 -3.35 -10.81 -4.90
C ILE A 49 -3.53 -9.36 -5.20
N MET A 50 -2.66 -8.50 -4.63
CA MET A 50 -2.66 -7.08 -4.99
CA MET A 50 -2.64 -7.09 -4.96
C MET A 50 -2.51 -6.85 -6.48
N ASP A 51 -1.62 -7.56 -7.17
CA ASP A 51 -1.46 -7.39 -8.58
C ASP A 51 -2.77 -7.68 -9.32
N ALA A 52 -3.42 -8.76 -8.92
CA ALA A 52 -4.72 -9.17 -9.56
C ALA A 52 -5.76 -8.07 -9.39
N VAL A 53 -5.82 -7.46 -8.21
CA VAL A 53 -6.75 -6.33 -7.94
C VAL A 53 -6.40 -5.13 -8.75
N ILE A 54 -5.17 -4.71 -8.78
CA ILE A 54 -4.76 -3.55 -9.56
C ILE A 54 -5.08 -3.75 -11.04
N ARG A 55 -4.83 -4.94 -11.56
CA ARG A 55 -5.14 -5.19 -12.94
CA ARG A 55 -5.13 -5.21 -12.95
C ARG A 55 -6.65 -5.18 -13.22
N GLU A 56 -7.46 -5.63 -12.27
CA GLU A 56 -8.90 -5.66 -12.47
C GLU A 56 -9.43 -4.23 -12.58
N TYR A 57 -8.97 -3.34 -11.71
CA TYR A 57 -9.53 -1.99 -11.60
C TYR A 57 -8.84 -0.90 -12.40
N SER A 58 -7.58 -1.12 -12.79
CA SER A 58 -6.77 -0.10 -13.47
CA SER A 58 -6.77 -0.12 -13.48
C SER A 58 -6.97 1.29 -12.89
N PRO A 59 -6.72 1.42 -11.58
CA PRO A 59 -7.02 2.72 -10.93
C PRO A 59 -6.15 3.84 -11.46
N SER A 60 -6.74 5.03 -11.63
CA SER A 60 -5.98 6.23 -12.06
C SER A 60 -5.29 6.94 -10.90
N LEU A 61 -5.85 6.82 -9.69
CA LEU A 61 -5.29 7.47 -8.53
C LEU A 61 -5.43 6.48 -7.37
N VAL A 62 -4.28 6.12 -6.79
CA VAL A 62 -4.18 5.21 -5.66
C VAL A 62 -3.55 5.98 -4.49
N LEU A 63 -4.07 5.76 -3.29
CA LEU A 63 -3.47 6.22 -2.05
C LEU A 63 -3.01 5.03 -1.28
N GLU A 64 -1.74 5.01 -0.89
CA GLU A 64 -1.16 4.04 0.02
C GLU A 64 -0.91 4.65 1.37
N LEU A 65 -1.32 3.96 2.42
CA LEU A 65 -1.01 4.32 3.81
C LEU A 65 0.05 3.37 4.33
N GLY A 66 1.26 3.90 4.50
CA GLY A 66 2.40 3.11 4.97
C GLY A 66 3.27 2.68 3.81
N ALA A 67 4.43 3.33 3.67
CA ALA A 67 5.35 3.07 2.58
C ALA A 67 6.50 2.13 2.92
N TYR A 68 7.09 2.32 4.09
CA TYR A 68 8.22 1.50 4.61
C TYR A 68 9.46 1.70 3.67
N CYS A 69 9.84 0.68 2.94
CA CYS A 69 10.95 0.74 2.01
C CYS A 69 10.55 0.89 0.56
N GLY A 70 9.26 0.97 0.28
CA GLY A 70 8.81 1.12 -1.05
C GLY A 70 8.40 -0.11 -1.81
N TYR A 71 8.40 -1.26 -1.15
CA TYR A 71 8.07 -2.51 -1.85
C TYR A 71 6.68 -2.45 -2.50
N SER A 72 5.70 -2.18 -1.69
CA SER A 72 4.32 -2.15 -2.24
C SER A 72 4.13 -1.02 -3.22
N ALA A 73 4.79 0.11 -3.02
CA ALA A 73 4.70 1.19 -3.95
C ALA A 73 5.24 0.79 -5.31
N VAL A 74 6.39 0.09 -5.30
CA VAL A 74 6.96 -0.45 -6.56
C VAL A 74 5.97 -1.44 -7.16
N ARG A 75 5.42 -2.32 -6.33
CA ARG A 75 4.52 -3.37 -6.78
C ARG A 75 3.33 -2.76 -7.52
N MET A 76 2.71 -1.76 -6.91
CA MET A 76 1.53 -1.12 -7.50
C MET A 76 1.90 -0.26 -8.66
N ALA A 77 2.91 0.62 -8.51
CA ALA A 77 3.22 1.62 -9.53
C ALA A 77 3.63 0.91 -10.81
N ARG A 78 4.26 -0.25 -10.75
CA ARG A 78 4.75 -0.87 -12.01
C ARG A 78 3.56 -1.35 -12.85
N LEU A 79 2.36 -1.49 -12.28
CA LEU A 79 1.17 -1.94 -13.00
C LEU A 79 0.24 -0.77 -13.36
N LEU A 80 0.58 0.45 -12.96
CA LEU A 80 -0.28 1.60 -13.32
C LEU A 80 -0.15 1.93 -14.80
N GLN A 81 -1.26 2.40 -15.37
CA GLN A 81 -1.28 2.82 -16.78
C GLN A 81 -0.57 4.15 -16.91
N PRO A 82 -0.17 4.53 -18.16
CA PRO A 82 0.42 5.84 -18.33
C PRO A 82 -0.49 6.96 -17.77
N GLY A 83 0.13 7.89 -17.06
CA GLY A 83 -0.55 9.01 -16.45
C GLY A 83 -1.23 8.73 -15.12
N ALA A 84 -1.40 7.45 -14.76
CA ALA A 84 -1.99 7.09 -13.45
C ALA A 84 -0.93 7.34 -12.38
N ARG A 85 -1.40 7.55 -11.15
CA ARG A 85 -0.57 8.03 -10.08
C ARG A 85 -0.86 7.36 -8.78
N LEU A 86 0.20 7.25 -7.97
CA LEU A 86 0.17 6.75 -6.64
C LEU A 86 0.66 7.84 -5.68
N LEU A 87 -0.07 8.07 -4.58
CA LEU A 87 0.36 8.86 -3.45
C LEU A 87 0.61 7.91 -2.31
N THR A 88 1.72 8.00 -1.62
CA THR A 88 2.00 7.14 -0.46
CA THR A 88 2.05 7.13 -0.48
C THR A 88 2.39 7.98 0.71
N MET A 89 1.79 7.67 1.84
CA MET A 89 2.01 8.42 3.08
C MET A 89 2.85 7.62 4.05
N GLU A 90 3.89 8.28 4.61
CA GLU A 90 4.85 7.61 5.47
C GLU A 90 5.28 8.54 6.58
N ILE A 91 5.01 8.14 7.81
CA ILE A 91 5.27 8.95 8.97
C ILE A 91 6.73 9.00 9.36
N ASN A 92 7.51 8.00 9.03
CA ASN A 92 8.92 7.89 9.47
C ASN A 92 9.80 8.51 8.37
N PRO A 93 10.55 9.60 8.66
CA PRO A 93 11.29 10.29 7.59
C PRO A 93 12.42 9.44 7.03
N ASP A 94 13.06 8.58 7.83
CA ASP A 94 14.08 7.70 7.28
C ASP A 94 13.49 6.73 6.26
N CYS A 95 12.33 6.19 6.56
CA CYS A 95 11.67 5.31 5.60
C CYS A 95 11.17 6.06 4.40
N ALA A 96 10.70 7.29 4.57
CA ALA A 96 10.29 8.06 3.42
C ALA A 96 11.48 8.26 2.45
N ALA A 97 12.65 8.54 3.00
CA ALA A 97 13.84 8.68 2.16
C ALA A 97 14.24 7.37 1.48
N ILE A 98 14.17 6.24 2.20
CA ILE A 98 14.44 4.93 1.58
CA ILE A 98 14.44 4.92 1.60
C ILE A 98 13.45 4.69 0.44
N THR A 99 12.17 4.91 0.70
CA THR A 99 11.13 4.72 -0.33
C THR A 99 11.42 5.56 -1.55
N GLN A 100 11.77 6.82 -1.36
CA GLN A 100 12.04 7.67 -2.51
C GLN A 100 13.20 7.11 -3.34
N GLN A 101 14.25 6.68 -2.69
CA GLN A 101 15.40 6.13 -3.38
C GLN A 101 15.09 4.80 -4.08
N MET A 102 14.21 4.03 -3.44
CA MET A 102 13.78 2.78 -4.04
C MET A 102 13.02 2.98 -5.34
N LEU A 103 12.12 3.93 -5.28
CA LEU A 103 11.29 4.29 -6.47
C LEU A 103 12.17 4.89 -7.57
N ASN A 104 13.12 5.76 -7.17
CA ASN A 104 14.06 6.33 -8.13
C ASN A 104 14.82 5.18 -8.80
N PHE A 105 15.33 4.23 -8.02
CA PHE A 105 16.08 3.14 -8.61
C PHE A 105 15.24 2.35 -9.59
N ALA A 106 13.99 2.08 -9.21
CA ALA A 106 13.07 1.32 -10.07
C ALA A 106 12.63 2.05 -11.31
N GLY A 107 12.86 3.37 -11.39
CA GLY A 107 12.43 4.22 -12.49
C GLY A 107 10.97 4.58 -12.45
N LEU A 108 10.37 4.53 -11.27
CA LEU A 108 8.95 4.79 -11.05
C LEU A 108 8.66 6.14 -10.42
N GLN A 109 9.67 6.94 -10.24
CA GLN A 109 9.50 8.19 -9.48
C GLN A 109 8.52 9.15 -10.13
N ASP A 110 8.31 9.09 -11.43
CA ASP A 110 7.35 9.98 -12.06
C ASP A 110 5.89 9.62 -11.77
N LYS A 111 5.65 8.41 -11.31
CA LYS A 111 4.31 7.93 -11.03
CA LYS A 111 4.31 7.94 -11.03
C LYS A 111 3.90 8.05 -9.57
N VAL A 112 4.85 8.28 -8.69
CA VAL A 112 4.64 8.21 -7.26
C VAL A 112 5.04 9.49 -6.59
N THR A 113 4.22 9.94 -5.63
CA THR A 113 4.55 10.99 -4.70
C THR A 113 4.58 10.46 -3.31
N ILE A 114 5.74 10.53 -2.68
N ILE A 114 5.62 10.84 -2.56
CA ILE A 114 5.96 9.97 -1.36
CA ILE A 114 5.69 10.60 -1.13
C ILE A 114 5.85 11.11 -0.41
C ILE A 114 5.17 11.80 -0.39
N LEU A 115 4.82 11.12 0.40
N LEU A 115 4.41 11.48 0.61
CA LEU A 115 4.57 12.18 1.32
CA LEU A 115 4.06 12.44 1.55
C LEU A 115 4.95 11.79 2.74
C LEU A 115 4.74 11.93 2.85
N ASN A 116 5.80 12.62 3.34
CA ASN A 116 6.33 12.35 4.67
C ASN A 116 5.40 13.02 5.72
N GLY A 117 4.67 12.23 6.46
CA GLY A 117 3.79 12.74 7.52
C GLY A 117 2.83 11.61 7.99
N ALA A 118 2.04 11.90 9.02
CA ALA A 118 1.02 10.97 9.51
C ALA A 118 -0.20 11.04 8.60
N SER A 119 -0.75 9.87 8.28
CA SER A 119 -1.98 9.75 7.47
C SER A 119 -3.13 10.62 8.02
N GLN A 120 -3.28 10.64 9.31
CA GLN A 120 -4.42 11.35 9.89
C GLN A 120 -4.25 12.90 9.70
N ASP A 121 -3.02 13.36 9.55
CA ASP A 121 -2.72 14.78 9.29
C ASP A 121 -2.75 15.11 7.80
N LEU A 122 -2.32 14.19 6.96
CA LEU A 122 -2.21 14.43 5.54
C LEU A 122 -3.55 14.25 4.78
N ILE A 123 -4.37 13.26 5.18
CA ILE A 123 -5.61 12.97 4.50
C ILE A 123 -6.48 14.22 4.34
N PRO A 124 -6.60 15.08 5.40
CA PRO A 124 -7.43 16.29 5.28
C PRO A 124 -6.87 17.32 4.37
N GLN A 125 -5.62 17.19 3.96
CA GLN A 125 -4.95 18.12 3.02
C GLN A 125 -5.02 17.65 1.57
N LEU A 126 -5.48 16.43 1.28
CA LEU A 126 -5.41 15.93 -0.08
C LEU A 126 -6.18 16.80 -1.09
N LYS A 127 -7.37 17.20 -0.75
CA LYS A 127 -8.15 17.98 -1.74
C LYS A 127 -7.55 19.36 -2.07
N LYS A 128 -7.22 20.13 -1.05
CA LYS A 128 -6.76 21.49 -1.32
C LYS A 128 -5.32 21.51 -1.67
N LYS A 129 -4.45 20.89 -0.88
CA LYS A 129 -3.00 20.96 -1.11
C LYS A 129 -2.54 20.06 -2.28
N TYR A 130 -3.14 18.85 -2.40
CA TYR A 130 -2.60 17.87 -3.37
C TYR A 130 -3.54 17.71 -4.57
N ASP A 131 -4.53 18.61 -4.66
CA ASP A 131 -5.48 18.69 -5.81
C ASP A 131 -6.24 17.39 -6.05
N VAL A 132 -6.54 16.62 -5.00
CA VAL A 132 -7.27 15.36 -5.23
C VAL A 132 -8.77 15.65 -5.23
N ASP A 133 -9.50 15.01 -6.15
CA ASP A 133 -10.95 14.96 -6.11
C ASP A 133 -11.37 13.74 -5.30
N THR A 134 -11.46 12.54 -5.90
CA THR A 134 -11.69 11.31 -5.19
C THR A 134 -10.68 10.27 -5.58
N LEU A 135 -10.54 9.28 -4.72
CA LEU A 135 -9.59 8.21 -4.86
C LEU A 135 -10.21 7.05 -5.58
N ASP A 136 -9.46 6.35 -6.42
CA ASP A 136 -9.96 5.14 -7.01
C ASP A 136 -9.70 3.90 -6.17
N MET A 137 -8.59 3.92 -5.44
CA MET A 137 -8.15 2.80 -4.62
CA MET A 137 -8.17 2.82 -4.61
C MET A 137 -7.35 3.32 -3.44
N VAL A 138 -7.47 2.62 -2.31
CA VAL A 138 -6.68 2.87 -1.10
C VAL A 138 -6.06 1.58 -0.65
N PHE A 139 -4.74 1.54 -0.43
CA PHE A 139 -4.07 0.41 0.18
C PHE A 139 -3.75 0.74 1.60
N LEU A 140 -4.41 0.09 2.55
CA LEU A 140 -4.20 0.33 4.00
C LEU A 140 -3.18 -0.66 4.54
N ASP A 141 -2.00 -0.11 4.93
CA ASP A 141 -0.91 -0.97 5.36
C ASP A 141 0.06 -0.21 6.24
N HIS A 142 -0.49 0.57 7.16
CA HIS A 142 0.30 1.43 8.05
C HIS A 142 0.34 0.86 9.45
N TRP A 143 -0.72 1.06 10.20
CA TRP A 143 -0.81 0.52 11.57
C TRP A 143 -2.26 0.14 11.85
N LYS A 144 -2.42 -1.06 12.37
CA LYS A 144 -3.72 -1.69 12.57
C LYS A 144 -4.75 -0.77 13.20
N ASP A 145 -4.36 0.00 14.23
CA ASP A 145 -5.31 0.80 14.97
C ASP A 145 -5.77 2.05 14.23
N ARG A 146 -5.10 2.38 13.12
CA ARG A 146 -5.52 3.51 12.28
CA ARG A 146 -5.51 3.49 12.29
C ARG A 146 -6.44 3.10 11.14
N TYR A 147 -6.64 1.81 10.88
CA TYR A 147 -7.42 1.44 9.67
C TYR A 147 -8.86 2.00 9.74
N LEU A 148 -9.56 1.74 10.86
CA LEU A 148 -10.92 2.23 10.97
C LEU A 148 -10.99 3.76 11.05
N PRO A 149 -10.21 4.41 11.95
CA PRO A 149 -10.32 5.87 12.01
C PRO A 149 -9.99 6.53 10.62
N ASP A 150 -8.97 6.05 9.92
CA ASP A 150 -8.57 6.71 8.67
C ASP A 150 -9.62 6.42 7.57
N THR A 151 -10.28 5.25 7.59
CA THR A 151 -11.36 4.98 6.65
C THR A 151 -12.49 5.98 6.84
N LEU A 152 -12.88 6.17 8.12
CA LEU A 152 -13.94 7.11 8.43
C LEU A 152 -13.56 8.54 8.13
N LEU A 153 -12.27 8.89 8.26
CA LEU A 153 -11.76 10.20 7.87
C LEU A 153 -11.77 10.44 6.36
N LEU A 154 -11.36 9.40 5.61
CA LEU A 154 -11.45 9.44 4.16
C LEU A 154 -12.85 9.76 3.70
N GLU A 155 -13.82 9.08 4.32
CA GLU A 155 -15.22 9.34 4.00
CA GLU A 155 -15.21 9.33 4.01
C GLU A 155 -15.65 10.74 4.38
N LYS A 156 -15.32 11.22 5.57
CA LYS A 156 -15.66 12.55 6.01
C LYS A 156 -15.12 13.60 5.03
N CYS A 157 -13.89 13.43 4.55
CA CYS A 157 -13.24 14.35 3.68
C CYS A 157 -13.68 14.31 2.24
N GLY A 158 -14.66 13.48 1.93
CA GLY A 158 -15.20 13.43 0.59
C GLY A 158 -14.29 12.76 -0.44
N LEU A 159 -13.37 11.91 0.03
CA LEU A 159 -12.36 11.32 -0.87
C LEU A 159 -12.80 9.96 -1.45
N LEU A 160 -13.87 9.39 -0.96
CA LEU A 160 -14.38 8.13 -1.48
C LEU A 160 -15.51 8.42 -2.45
N ARG A 161 -15.62 7.56 -3.44
CA ARG A 161 -16.74 7.60 -4.41
C ARG A 161 -17.33 6.22 -4.55
N LYS A 162 -18.48 6.10 -5.22
CA LYS A 162 -19.05 4.78 -5.48
C LYS A 162 -18.06 3.97 -6.28
N GLY A 163 -17.66 2.83 -5.73
CA GLY A 163 -16.68 2.00 -6.36
C GLY A 163 -15.23 2.16 -5.89
N THR A 164 -14.91 3.08 -5.02
CA THR A 164 -13.55 3.16 -4.51
C THR A 164 -13.21 1.86 -3.83
N VAL A 165 -12.06 1.31 -4.17
CA VAL A 165 -11.61 0.06 -3.66
C VAL A 165 -10.68 0.27 -2.45
N LEU A 166 -11.03 -0.18 -1.28
CA LEU A 166 -10.14 -0.25 -0.14
C LEU A 166 -9.55 -1.65 -0.12
N LEU A 167 -8.25 -1.76 -0.04
CA LEU A 167 -7.53 -3.06 0.06
C LEU A 167 -6.68 -2.93 1.33
N ALA A 168 -6.93 -3.81 2.31
CA ALA A 168 -6.30 -3.74 3.61
C ALA A 168 -5.41 -4.97 3.87
N ASP A 169 -4.12 -4.71 4.15
CA ASP A 169 -3.21 -5.76 4.52
C ASP A 169 -3.37 -6.13 6.00
N ASN A 170 -2.98 -7.36 6.35
CA ASN A 170 -2.75 -7.72 7.75
C ASN A 170 -4.03 -7.75 8.57
N VAL A 171 -5.14 -8.08 7.91
CA VAL A 171 -6.39 -8.12 8.63
C VAL A 171 -6.51 -9.27 9.60
N ILE A 172 -5.63 -10.28 9.44
CA ILE A 172 -5.52 -11.43 10.32
C ILE A 172 -4.33 -11.28 11.28
N VAL A 173 -3.12 -11.01 10.75
CA VAL A 173 -1.92 -10.81 11.58
CA VAL A 173 -1.95 -10.78 11.60
C VAL A 173 -1.23 -9.53 11.09
N PRO A 174 -1.04 -8.50 11.94
CA PRO A 174 -1.43 -8.46 13.36
C PRO A 174 -2.93 -8.50 13.61
N GLY A 175 -3.75 -8.21 12.62
CA GLY A 175 -5.19 -8.22 12.80
C GLY A 175 -5.78 -6.84 12.97
N THR A 176 -6.94 -6.64 12.40
CA THR A 176 -7.64 -5.36 12.48
C THR A 176 -9.13 -5.60 12.77
N PRO A 177 -9.43 -6.07 13.98
CA PRO A 177 -10.79 -6.54 14.24
C PRO A 177 -11.84 -5.43 14.15
N ASP A 178 -11.55 -4.24 14.62
CA ASP A 178 -12.55 -3.19 14.54
C ASP A 178 -12.89 -2.83 13.12
N PHE A 179 -11.85 -2.63 12.30
CA PHE A 179 -12.04 -2.33 10.90
C PHE A 179 -12.82 -3.41 10.19
N LEU A 180 -12.47 -4.68 10.40
CA LEU A 180 -13.18 -5.77 9.73
C LEU A 180 -14.62 -5.84 10.16
N ALA A 181 -14.91 -5.75 11.45
CA ALA A 181 -16.28 -5.83 11.90
C ALA A 181 -17.06 -4.69 11.30
N TYR A 182 -16.47 -3.50 11.23
CA TYR A 182 -17.15 -2.35 10.73
C TYR A 182 -17.49 -2.49 9.26
N VAL A 183 -16.46 -2.73 8.39
CA VAL A 183 -16.77 -2.77 6.98
C VAL A 183 -17.66 -3.97 6.62
N ARG A 184 -17.50 -5.07 7.31
CA ARG A 184 -18.32 -6.25 6.97
C ARG A 184 -19.75 -6.03 7.45
N GLY A 185 -20.01 -5.18 8.42
CA GLY A 185 -21.35 -4.92 8.91
C GLY A 185 -22.03 -3.73 8.28
N SER A 186 -21.33 -2.99 7.44
CA SER A 186 -21.84 -1.72 6.93
C SER A 186 -22.41 -1.91 5.52
N SER A 187 -23.59 -1.36 5.29
CA SER A 187 -24.17 -1.36 3.94
C SER A 187 -23.42 -0.43 3.01
N SER A 188 -22.50 0.37 3.51
CA SER A 188 -21.67 1.24 2.66
C SER A 188 -20.47 0.54 2.07
N PHE A 189 -20.24 -0.73 2.37
CA PHE A 189 -19.11 -1.47 1.81
C PHE A 189 -19.55 -2.84 1.31
N GLU A 190 -18.96 -3.28 0.21
CA GLU A 190 -19.11 -4.64 -0.21
CA GLU A 190 -19.07 -4.62 -0.32
C GLU A 190 -17.71 -5.29 -0.07
N CYS A 191 -17.65 -6.34 0.76
CA CYS A 191 -16.39 -6.89 1.24
C CYS A 191 -16.14 -8.31 0.78
N THR A 192 -14.87 -8.56 0.53
N THR A 192 -14.87 -8.59 0.46
CA THR A 192 -14.37 -9.85 0.17
CA THR A 192 -14.39 -9.92 0.14
C THR A 192 -13.05 -10.06 0.89
C THR A 192 -13.04 -10.10 0.83
N HIS A 193 -12.81 -11.30 1.33
CA HIS A 193 -11.59 -11.65 2.04
C HIS A 193 -10.74 -12.56 1.15
N TYR A 194 -9.45 -12.24 1.07
CA TYR A 194 -8.50 -12.99 0.29
C TYR A 194 -7.46 -13.64 1.23
N SER A 195 -7.64 -14.90 1.53
CA SER A 195 -6.79 -15.57 2.50
C SER A 195 -5.43 -15.81 1.88
N SER A 196 -4.36 -15.61 2.65
CA SER A 196 -3.03 -15.82 2.15
C SER A 196 -2.09 -16.12 3.29
N TYR A 197 -0.88 -15.56 3.24
CA TYR A 197 0.17 -15.82 4.23
C TYR A 197 0.90 -14.57 4.52
N LEU A 198 1.31 -14.49 5.81
CA LEU A 198 2.19 -13.42 6.27
C LEU A 198 3.43 -13.46 5.40
N GLU A 199 3.90 -12.28 5.01
CA GLU A 199 5.09 -12.18 4.18
C GLU A 199 6.24 -13.01 4.76
N TYR A 200 6.82 -13.81 3.88
CA TYR A 200 8.02 -14.57 4.15
C TYR A 200 7.86 -15.64 5.21
N MET A 201 6.63 -15.97 5.60
CA MET A 201 6.32 -16.86 6.76
CA MET A 201 6.37 -16.94 6.64
C MET A 201 5.23 -17.84 6.36
N LYS A 202 5.26 -18.99 7.04
CA LYS A 202 4.21 -19.98 6.99
C LYS A 202 3.23 -19.75 8.11
N VAL A 203 2.59 -18.58 8.05
CA VAL A 203 1.61 -18.08 9.02
C VAL A 203 0.47 -17.53 8.17
N VAL A 204 -0.76 -17.92 8.48
CA VAL A 204 -1.89 -17.38 7.72
C VAL A 204 -2.08 -15.88 7.96
N ASP A 205 -2.34 -15.15 6.88
CA ASP A 205 -2.77 -13.77 6.95
C ASP A 205 -3.79 -13.55 5.84
N GLY A 206 -4.25 -12.35 5.61
CA GLY A 206 -5.15 -12.11 4.53
C GLY A 206 -5.32 -10.65 4.26
N LEU A 207 -5.86 -10.38 3.08
CA LEU A 207 -6.25 -9.06 2.69
CA LEU A 207 -6.26 -9.05 2.68
C LEU A 207 -7.76 -8.96 2.68
N GLU A 208 -8.29 -7.79 3.01
CA GLU A 208 -9.72 -7.51 2.85
C GLU A 208 -9.87 -6.48 1.74
N LYS A 209 -10.76 -6.74 0.80
CA LYS A 209 -11.22 -5.75 -0.14
C LYS A 209 -12.56 -5.25 0.30
N ALA A 210 -12.70 -3.92 0.42
CA ALA A 210 -13.97 -3.31 0.83
C ALA A 210 -14.25 -2.20 -0.18
N ILE A 211 -15.28 -2.43 -1.00
CA ILE A 211 -15.63 -1.50 -2.05
C ILE A 211 -16.66 -0.52 -1.52
N TYR A 212 -16.36 0.78 -1.51
CA TYR A 212 -17.29 1.77 -1.04
C TYR A 212 -18.49 1.89 -1.98
N GLN A 213 -19.68 1.93 -1.38
CA GLN A 213 -20.95 2.00 -2.09
C GLN A 213 -21.66 3.32 -1.83
N GLY A 214 -21.06 4.36 -1.30
CA GLY A 214 -21.77 5.70 -1.22
C GLY A 214 -22.34 5.72 0.19
N PRO A 215 -22.88 6.88 0.65
CA PRO A 215 -23.30 7.05 2.07
C PRO A 215 -24.33 6.03 2.59
#